data_1TU6
#
_entry.id   1TU6
#
_cell.length_a   62.179
_cell.length_b   66.776
_cell.length_c   107.708
_cell.angle_alpha   90
_cell.angle_beta   90
_cell.angle_gamma   90
#
_symmetry.space_group_name_H-M   'P 21 21 21'
#
loop_
_entity.id
_entity.type
_entity.pdbx_description
1 polymer 'Cathepsin K'
2 non-polymer 'SULFATE ION'
3 non-polymer '[1-(4-FLUOROBENZYL)CYCLOBUTYL]METHYL (1S)-1-[OXO(1H-PYRAZOL-5-YLAMINO)ACETYL]PENTYLCARBAMATE'
4 water water
#
_entity_poly.entity_id   1
_entity_poly.type   'polypeptide(L)'
_entity_poly.pdbx_seq_one_letter_code
;APDSVDYRKKGYVTPVKNQGQCGSCWAFSSVGALEGQLKKKTGKLLNLSPQNLVDCVSENDGCGGGYMTNAFQYVQKNRG
IDSEDAYPYVGQEESCMYNPTGKAAKCRGYREIPEGNEKALKRAVARVGPVSVAIDASLTSFQFYSKGVYYDESCNSDNL
NHAVLAVGYGIQKGNKHWIIKNSWGENWGNKGYILMARNKNNACGIANLASFPKM
;
_entity_poly.pdbx_strand_id   A,B
#
loop_
_chem_comp.id
_chem_comp.type
_chem_comp.name
_chem_comp.formula
FSP non-polymer '[1-(4-FLUOROBENZYL)CYCLOBUTYL]METHYL (1S)-1-[OXO(1H-PYRAZOL-5-YLAMINO)ACETYL]PENTYLCARBAMATE' 'C23 H29 F N4 O4'
SO4 non-polymer 'SULFATE ION' 'O4 S -2'
#
# COMPACT_ATOMS: atom_id res chain seq x y z
N ALA A 1 -12.94 -4.59 -30.66
CA ALA A 1 -11.58 -4.13 -30.24
C ALA A 1 -10.49 -4.89 -30.99
N PRO A 2 -9.40 -4.20 -31.37
CA PRO A 2 -8.28 -4.79 -32.10
C PRO A 2 -7.56 -5.85 -31.27
N ASP A 3 -6.86 -6.76 -31.92
CA ASP A 3 -6.14 -7.80 -31.20
C ASP A 3 -5.02 -7.19 -30.35
N SER A 4 -4.49 -6.05 -30.82
CA SER A 4 -3.42 -5.36 -30.09
C SER A 4 -3.53 -3.85 -30.26
N VAL A 5 -3.06 -3.12 -29.25
CA VAL A 5 -3.09 -1.67 -29.24
C VAL A 5 -1.88 -1.16 -28.48
N ASP A 6 -1.29 -0.07 -28.97
CA ASP A 6 -0.11 0.53 -28.32
C ASP A 6 -0.19 2.05 -28.51
N TYR A 7 -0.74 2.74 -27.51
CA TYR A 7 -0.89 4.19 -27.59
C TYR A 7 0.43 4.95 -27.65
N ARG A 8 1.53 4.27 -27.34
CA ARG A 8 2.85 4.91 -27.40
C ARG A 8 3.16 5.28 -28.85
N LYS A 9 2.75 4.41 -29.77
CA LYS A 9 2.99 4.64 -31.20
C LYS A 9 2.17 5.81 -31.73
N LYS A 10 1.02 6.06 -31.10
CA LYS A 10 0.10 7.12 -31.51
C LYS A 10 0.40 8.49 -30.90
N GLY A 11 1.41 8.56 -30.04
CA GLY A 11 1.75 9.82 -29.43
C GLY A 11 0.80 10.25 -28.33
N TYR A 12 0.20 9.28 -27.64
CA TYR A 12 -0.73 9.58 -26.55
C TYR A 12 -0.03 9.44 -25.21
N VAL A 13 1.23 9.01 -25.23
CA VAL A 13 1.96 8.81 -23.99
C VAL A 13 3.24 9.62 -23.85
N THR A 14 3.33 10.39 -22.78
CA THR A 14 4.49 11.22 -22.50
C THR A 14 5.65 10.32 -22.03
N PRO A 15 6.87 10.86 -21.93
CA PRO A 15 8.01 10.05 -21.48
C PRO A 15 7.80 9.49 -20.08
N VAL A 16 8.56 8.47 -19.75
CA VAL A 16 8.49 7.84 -18.43
C VAL A 16 9.11 8.78 -17.40
N LYS A 17 8.40 8.96 -16.28
CA LYS A 17 8.86 9.83 -15.19
C LYS A 17 9.42 9.00 -14.04
N ASN A 18 10.04 9.68 -13.09
CA ASN A 18 10.60 9.03 -11.89
C ASN A 18 10.01 9.78 -10.70
N GLN A 19 9.18 9.10 -9.92
CA GLN A 19 8.53 9.73 -8.79
C GLN A 19 9.39 9.97 -7.55
N GLY A 20 10.60 9.39 -7.51
CA GLY A 20 11.46 9.62 -6.37
C GLY A 20 10.98 9.00 -5.06
N GLN A 21 11.37 9.62 -3.95
CA GLN A 21 11.03 9.15 -2.60
C GLN A 21 9.70 9.74 -2.12
N CYS A 22 8.66 9.51 -2.92
CA CYS A 22 7.33 10.03 -2.63
C CYS A 22 6.33 8.99 -3.15
N GLY A 23 5.39 8.59 -2.31
CA GLY A 23 4.40 7.59 -2.71
C GLY A 23 3.29 8.23 -3.55
N SER A 24 3.70 8.78 -4.69
CA SER A 24 2.80 9.47 -5.60
C SER A 24 2.46 8.70 -6.87
N CYS A 25 2.63 7.38 -6.85
CA CYS A 25 2.34 6.58 -8.04
C CYS A 25 0.95 6.89 -8.58
N TRP A 26 -0.01 7.08 -7.68
CA TRP A 26 -1.39 7.37 -8.06
C TRP A 26 -1.52 8.68 -8.85
N ALA A 27 -0.67 9.66 -8.54
CA ALA A 27 -0.70 10.94 -9.23
C ALA A 27 -0.12 10.80 -10.63
N PHE A 28 0.93 10.00 -10.78
CA PHE A 28 1.51 9.80 -12.11
C PHE A 28 0.52 9.00 -12.97
N SER A 29 -0.12 8.00 -12.36
CA SER A 29 -1.10 7.18 -13.07
C SER A 29 -2.21 8.10 -13.57
N SER A 30 -2.70 8.96 -12.68
CA SER A 30 -3.76 9.89 -13.01
C SER A 30 -3.39 10.84 -14.14
N VAL A 31 -2.23 11.50 -14.04
CA VAL A 31 -1.84 12.43 -15.09
C VAL A 31 -1.63 11.69 -16.41
N GLY A 32 -1.17 10.45 -16.34
CA GLY A 32 -0.97 9.68 -17.55
C GLY A 32 -2.28 9.49 -18.28
N ALA A 33 -3.33 9.17 -17.52
CA ALA A 33 -4.64 8.97 -18.12
C ALA A 33 -5.17 10.30 -18.65
N LEU A 34 -4.91 11.38 -17.92
CA LEU A 34 -5.37 12.70 -18.35
C LEU A 34 -4.64 13.15 -19.62
N GLU A 35 -3.34 12.87 -19.68
CA GLU A 35 -2.52 13.24 -20.83
C GLU A 35 -3.02 12.51 -22.09
N GLY A 36 -3.52 11.29 -21.90
CA GLY A 36 -4.03 10.53 -23.03
C GLY A 36 -5.27 11.17 -23.61
N GLN A 37 -6.21 11.55 -22.75
CA GLN A 37 -7.46 12.16 -23.18
C GLN A 37 -7.24 13.57 -23.70
N LEU A 38 -6.25 14.28 -23.15
CA LEU A 38 -5.94 15.64 -23.60
C LEU A 38 -5.45 15.58 -25.04
N LYS A 39 -4.56 14.62 -25.32
CA LYS A 39 -4.01 14.45 -26.66
C LYS A 39 -5.12 14.05 -27.63
N LYS A 40 -6.02 13.20 -27.16
CA LYS A 40 -7.13 12.71 -27.98
C LYS A 40 -8.16 13.79 -28.30
N LYS A 41 -8.30 14.76 -27.41
CA LYS A 41 -9.28 15.82 -27.62
C LYS A 41 -8.71 17.07 -28.27
N THR A 42 -7.48 17.43 -27.93
CA THR A 42 -6.86 18.63 -28.47
C THR A 42 -5.75 18.38 -29.48
N GLY A 43 -5.26 17.15 -29.54
CA GLY A 43 -4.20 16.83 -30.49
C GLY A 43 -2.82 17.18 -29.97
N LYS A 44 -2.73 17.70 -28.75
CA LYS A 44 -1.45 18.06 -28.17
C LYS A 44 -1.06 17.16 -27.02
N LEU A 45 0.20 16.73 -27.02
CA LEU A 45 0.73 15.86 -25.97
C LEU A 45 1.64 16.70 -25.10
N LEU A 46 1.32 16.79 -23.81
CA LEU A 46 2.14 17.55 -22.89
C LEU A 46 2.06 16.96 -21.49
N ASN A 47 3.10 17.21 -20.70
CA ASN A 47 3.15 16.69 -19.34
C ASN A 47 2.24 17.49 -18.43
N LEU A 48 1.36 16.79 -17.71
CA LEU A 48 0.48 17.43 -16.76
C LEU A 48 1.17 17.32 -15.40
N SER A 49 0.67 18.06 -14.41
CA SER A 49 1.30 18.11 -13.09
C SER A 49 0.92 17.11 -12.00
N PRO A 50 1.79 16.12 -11.72
CA PRO A 50 1.44 15.18 -10.66
C PRO A 50 1.57 15.88 -9.30
N GLN A 51 2.43 16.88 -9.23
CA GLN A 51 2.63 17.64 -7.99
C GLN A 51 1.31 18.33 -7.62
N ASN A 52 0.63 18.85 -8.64
CA ASN A 52 -0.65 19.53 -8.46
C ASN A 52 -1.59 18.58 -7.71
N LEU A 53 -1.60 17.31 -8.11
CA LEU A 53 -2.46 16.32 -7.47
C LEU A 53 -1.96 16.00 -6.05
N VAL A 54 -0.67 15.71 -5.92
CA VAL A 54 -0.10 15.39 -4.61
C VAL A 54 -0.44 16.45 -3.56
N ASP A 55 -0.25 17.72 -3.92
CA ASP A 55 -0.50 18.84 -3.01
C ASP A 55 -1.94 19.27 -2.81
N CYS A 56 -2.77 19.10 -3.83
CA CYS A 56 -4.15 19.58 -3.76
C CYS A 56 -5.30 18.60 -3.55
N VAL A 57 -5.08 17.31 -3.80
CA VAL A 57 -6.16 16.35 -3.60
C VAL A 57 -6.21 15.99 -2.12
N SER A 58 -6.98 16.77 -1.38
CA SER A 58 -7.13 16.61 0.07
C SER A 58 -7.60 15.24 0.54
N GLU A 59 -8.42 14.56 -0.26
CA GLU A 59 -8.93 13.26 0.11
C GLU A 59 -7.86 12.17 0.04
N ASN A 60 -6.81 12.42 -0.75
CA ASN A 60 -5.73 11.45 -0.87
C ASN A 60 -4.67 11.76 0.19
N ASP A 61 -3.64 10.93 0.29
CA ASP A 61 -2.61 11.11 1.30
C ASP A 61 -1.26 11.64 0.80
N GLY A 62 -1.29 12.44 -0.26
CA GLY A 62 -0.06 13.00 -0.80
C GLY A 62 1.00 11.97 -1.14
N CYS A 63 2.14 12.05 -0.46
CA CYS A 63 3.24 11.12 -0.70
C CYS A 63 3.00 9.78 0.00
N GLY A 64 1.82 9.62 0.60
CA GLY A 64 1.49 8.39 1.29
C GLY A 64 0.50 7.53 0.51
N GLY A 65 0.20 7.91 -0.72
CA GLY A 65 -0.72 7.13 -1.54
C GLY A 65 -2.04 7.83 -1.80
N GLY A 66 -2.85 7.24 -2.68
CA GLY A 66 -4.14 7.84 -2.99
C GLY A 66 -4.89 7.14 -4.11
N TYR A 67 -6.16 7.53 -4.29
CA TYR A 67 -7.01 6.96 -5.32
C TYR A 67 -7.00 7.81 -6.59
N MET A 68 -6.90 7.17 -7.74
CA MET A 68 -6.90 7.89 -9.01
C MET A 68 -8.25 8.59 -9.21
N THR A 69 -9.34 7.95 -8.78
CA THR A 69 -10.66 8.55 -8.94
C THR A 69 -10.78 9.85 -8.14
N ASN A 70 -10.12 9.92 -6.99
CA ASN A 70 -10.17 11.15 -6.21
C ASN A 70 -9.44 12.25 -6.98
N ALA A 71 -8.38 11.88 -7.69
CA ALA A 71 -7.61 12.85 -8.48
C ALA A 71 -8.48 13.38 -9.62
N PHE A 72 -9.17 12.48 -10.32
CA PHE A 72 -10.02 12.89 -11.43
C PHE A 72 -11.12 13.82 -10.90
N GLN A 73 -11.69 13.45 -9.75
CA GLN A 73 -12.74 14.24 -9.12
C GLN A 73 -12.22 15.63 -8.80
N TYR A 74 -11.01 15.69 -8.24
CA TYR A 74 -10.38 16.96 -7.90
C TYR A 74 -10.28 17.85 -9.12
N VAL A 75 -9.73 17.32 -10.21
CA VAL A 75 -9.58 18.11 -11.43
C VAL A 75 -10.93 18.64 -11.90
N GLN A 76 -11.96 17.80 -11.83
CA GLN A 76 -13.29 18.20 -12.25
C GLN A 76 -13.82 19.36 -11.40
N LYS A 77 -13.87 19.16 -10.08
CA LYS A 77 -14.37 20.19 -9.17
C LYS A 77 -13.48 21.43 -9.11
N ASN A 78 -12.20 21.27 -9.43
CA ASN A 78 -11.25 22.38 -9.39
C ASN A 78 -11.27 23.17 -10.69
N ARG A 79 -11.96 22.64 -11.68
CA ARG A 79 -12.06 23.28 -13.00
C ARG A 79 -10.73 23.26 -13.74
N GLY A 80 -9.86 22.29 -13.40
CA GLY A 80 -8.59 22.20 -14.09
C GLY A 80 -7.41 21.64 -13.33
N ILE A 81 -6.34 21.37 -14.07
CA ILE A 81 -5.09 20.86 -13.53
C ILE A 81 -3.97 21.57 -14.28
N ASP A 82 -2.92 21.94 -13.56
CA ASP A 82 -1.80 22.64 -14.19
C ASP A 82 -0.90 21.73 -15.01
N SER A 83 -0.12 22.34 -15.88
CA SER A 83 0.83 21.58 -16.70
C SER A 83 2.03 21.34 -15.79
N GLU A 84 2.89 20.42 -16.17
CA GLU A 84 4.09 20.11 -15.41
C GLU A 84 4.99 21.34 -15.35
N ASP A 85 5.11 22.06 -16.47
CA ASP A 85 5.95 23.24 -16.51
C ASP A 85 5.47 24.34 -15.57
N ALA A 86 4.16 24.45 -15.38
CA ALA A 86 3.61 25.47 -14.50
C ALA A 86 3.59 25.06 -13.02
N TYR A 87 3.67 23.76 -12.76
CA TYR A 87 3.62 23.24 -11.40
C TYR A 87 4.52 22.00 -11.35
N PRO A 88 5.85 22.20 -11.43
CA PRO A 88 6.91 21.18 -11.42
C PRO A 88 6.90 20.19 -10.26
N TYR A 89 7.31 18.97 -10.56
CA TYR A 89 7.36 17.89 -9.57
C TYR A 89 8.62 18.05 -8.71
N VAL A 90 8.44 18.04 -7.40
CA VAL A 90 9.58 18.21 -6.50
C VAL A 90 9.88 17.01 -5.60
N GLY A 91 8.99 16.01 -5.59
CA GLY A 91 9.26 14.82 -4.80
C GLY A 91 8.80 14.79 -3.35
N GLN A 92 8.07 15.79 -2.91
CA GLN A 92 7.55 15.81 -1.54
C GLN A 92 6.28 16.64 -1.52
N GLU A 93 5.42 16.42 -0.54
CA GLU A 93 4.18 17.17 -0.47
C GLU A 93 4.44 18.62 -0.07
N GLU A 94 3.75 19.53 -0.73
CA GLU A 94 3.87 20.96 -0.43
C GLU A 94 2.47 21.52 -0.30
N SER A 95 2.36 22.80 0.06
CA SER A 95 1.05 23.42 0.18
C SER A 95 0.49 23.57 -1.23
N CYS A 96 -0.82 23.49 -1.38
CA CYS A 96 -1.43 23.60 -2.69
C CYS A 96 -1.08 24.91 -3.41
N MET A 97 -0.38 24.80 -4.53
CA MET A 97 0.01 25.98 -5.30
C MET A 97 -0.59 25.97 -6.70
N TYR A 98 -1.84 25.51 -6.80
CA TYR A 98 -2.52 25.50 -8.09
C TYR A 98 -2.93 26.90 -8.47
N ASN A 99 -2.87 27.19 -9.77
CA ASN A 99 -3.27 28.50 -10.28
C ASN A 99 -3.84 28.34 -11.69
N PRO A 100 -5.04 28.88 -11.93
CA PRO A 100 -5.69 28.79 -13.24
C PRO A 100 -4.83 29.23 -14.42
N THR A 101 -3.85 30.10 -14.17
CA THR A 101 -2.99 30.59 -15.24
C THR A 101 -2.23 29.45 -15.94
N GLY A 102 -1.83 28.44 -15.17
CA GLY A 102 -1.10 27.32 -15.76
C GLY A 102 -1.97 26.16 -16.17
N LYS A 103 -3.29 26.35 -16.12
CA LYS A 103 -4.24 25.30 -16.48
C LYS A 103 -3.92 24.74 -17.87
N ALA A 104 -3.90 23.41 -17.99
CA ALA A 104 -3.60 22.78 -19.27
C ALA A 104 -4.60 21.68 -19.64
N ALA A 105 -5.50 21.37 -18.73
CA ALA A 105 -6.51 20.33 -18.98
C ALA A 105 -7.65 20.40 -17.98
N LYS A 106 -8.82 19.89 -18.40
CA LYS A 106 -10.01 19.86 -17.56
C LYS A 106 -10.52 18.41 -17.49
N CYS A 107 -11.47 18.17 -16.58
CA CYS A 107 -12.03 16.84 -16.40
C CYS A 107 -13.54 16.93 -16.16
N ARG A 108 -14.31 16.10 -16.86
CA ARG A 108 -15.77 16.10 -16.71
C ARG A 108 -16.24 14.96 -15.82
N GLY A 109 -15.29 14.23 -15.23
CA GLY A 109 -15.64 13.11 -14.38
C GLY A 109 -14.82 11.89 -14.72
N TYR A 110 -15.32 10.72 -14.36
CA TYR A 110 -14.59 9.48 -14.65
C TYR A 110 -15.50 8.27 -14.59
N ARG A 111 -14.98 7.14 -15.07
CA ARG A 111 -15.72 5.90 -15.06
C ARG A 111 -14.80 4.81 -14.50
N GLU A 112 -15.38 3.83 -13.82
CA GLU A 112 -14.60 2.73 -13.25
C GLU A 112 -14.91 1.45 -14.01
N ILE A 113 -13.87 0.72 -14.40
CA ILE A 113 -14.04 -0.52 -15.13
C ILE A 113 -14.64 -1.59 -14.22
N PRO A 114 -15.62 -2.38 -14.71
CA PRO A 114 -16.23 -3.42 -13.89
C PRO A 114 -15.13 -4.24 -13.21
N GLU A 115 -15.19 -4.33 -11.88
CA GLU A 115 -14.19 -5.05 -11.11
C GLU A 115 -13.85 -6.47 -11.57
N GLY A 116 -12.56 -6.70 -11.79
CA GLY A 116 -12.06 -7.99 -12.20
C GLY A 116 -12.31 -8.45 -13.62
N ASN A 117 -12.85 -7.56 -14.44
CA ASN A 117 -13.16 -7.92 -15.82
C ASN A 117 -12.10 -7.43 -16.82
N GLU A 118 -11.14 -8.30 -17.16
CA GLU A 118 -10.08 -7.91 -18.09
C GLU A 118 -10.60 -7.63 -19.48
N LYS A 119 -11.67 -8.32 -19.89
CA LYS A 119 -12.24 -8.10 -21.19
C LYS A 119 -12.79 -6.68 -21.25
N ALA A 120 -13.34 -6.22 -20.13
CA ALA A 120 -13.89 -4.88 -20.03
C ALA A 120 -12.74 -3.88 -20.11
N LEU A 121 -11.66 -4.18 -19.37
CA LEU A 121 -10.48 -3.32 -19.37
C LEU A 121 -9.94 -3.21 -20.79
N LYS A 122 -9.93 -4.33 -21.51
CA LYS A 122 -9.45 -4.35 -22.89
C LYS A 122 -10.29 -3.40 -23.75
N ARG A 123 -11.62 -3.51 -23.61
CA ARG A 123 -12.52 -2.65 -24.37
C ARG A 123 -12.26 -1.18 -24.07
N ALA A 124 -12.10 -0.86 -22.80
CA ALA A 124 -11.85 0.51 -22.37
C ALA A 124 -10.59 1.09 -23.00
N VAL A 125 -9.49 0.34 -22.91
CA VAL A 125 -8.22 0.80 -23.48
C VAL A 125 -8.34 1.01 -24.98
N ALA A 126 -9.03 0.09 -25.65
CA ALA A 126 -9.20 0.17 -27.10
C ALA A 126 -10.03 1.37 -27.52
N ARG A 127 -11.14 1.63 -26.83
CA ARG A 127 -12.01 2.74 -27.18
C ARG A 127 -11.64 4.10 -26.59
N VAL A 128 -11.29 4.11 -25.31
CA VAL A 128 -10.95 5.36 -24.63
C VAL A 128 -9.50 5.81 -24.78
N GLY A 129 -8.56 4.92 -24.49
CA GLY A 129 -7.15 5.25 -24.57
C GLY A 129 -6.47 4.75 -23.30
N PRO A 130 -5.33 5.32 -22.90
CA PRO A 130 -4.66 4.85 -21.68
C PRO A 130 -5.61 4.86 -20.48
N VAL A 131 -5.57 3.80 -19.69
CA VAL A 131 -6.42 3.66 -18.50
C VAL A 131 -5.60 3.47 -17.24
N SER A 132 -5.99 4.19 -16.17
CA SER A 132 -5.29 4.07 -14.89
C SER A 132 -5.68 2.74 -14.25
N VAL A 133 -4.68 1.97 -13.82
CA VAL A 133 -4.94 0.68 -13.19
C VAL A 133 -4.14 0.52 -11.90
N ALA A 134 -4.64 -0.33 -11.01
CA ALA A 134 -3.98 -0.61 -9.75
C ALA A 134 -3.58 -2.08 -9.73
N ILE A 135 -2.43 -2.38 -9.15
CA ILE A 135 -1.93 -3.75 -9.10
C ILE A 135 -1.18 -4.01 -7.81
N ASP A 136 -0.77 -5.26 -7.64
CA ASP A 136 0.05 -5.67 -6.51
C ASP A 136 1.46 -5.64 -7.11
N ALA A 137 2.27 -4.67 -6.69
CA ALA A 137 3.63 -4.53 -7.19
C ALA A 137 4.62 -4.75 -6.05
N SER A 138 4.17 -5.46 -5.02
CA SER A 138 5.00 -5.70 -3.84
C SER A 138 6.08 -6.77 -3.97
N LEU A 139 5.94 -7.66 -4.96
CA LEU A 139 6.90 -8.74 -5.15
C LEU A 139 8.25 -8.25 -5.67
N THR A 140 9.31 -8.89 -5.18
CA THR A 140 10.65 -8.53 -5.63
C THR A 140 10.77 -8.84 -7.12
N SER A 141 10.00 -9.82 -7.59
CA SER A 141 10.03 -10.18 -9.01
C SER A 141 9.55 -9.01 -9.88
N PHE A 142 8.63 -8.22 -9.35
CA PHE A 142 8.12 -7.05 -10.06
C PHE A 142 9.16 -5.94 -10.01
N GLN A 143 9.71 -5.73 -8.82
CA GLN A 143 10.73 -4.70 -8.62
C GLN A 143 11.96 -4.82 -9.52
N PHE A 144 12.40 -6.06 -9.78
CA PHE A 144 13.57 -6.29 -10.61
C PHE A 144 13.26 -6.72 -12.06
N TYR A 145 11.99 -6.61 -12.45
CA TYR A 145 11.56 -6.97 -13.80
C TYR A 145 12.46 -6.34 -14.86
N SER A 146 12.80 -7.13 -15.88
CA SER A 146 13.66 -6.66 -16.97
C SER A 146 12.96 -6.74 -18.33
N LYS A 147 12.39 -7.90 -18.64
CA LYS A 147 11.70 -8.08 -19.91
C LYS A 147 10.78 -9.31 -19.90
N GLY A 148 10.06 -9.50 -21.00
CA GLY A 148 9.15 -10.63 -21.11
C GLY A 148 7.77 -10.31 -20.56
N VAL A 149 6.87 -11.29 -20.64
CA VAL A 149 5.52 -11.09 -20.12
C VAL A 149 5.51 -11.60 -18.69
N TYR A 150 5.37 -10.65 -17.76
CA TYR A 150 5.37 -10.89 -16.33
C TYR A 150 4.16 -11.61 -15.74
N TYR A 151 4.42 -12.71 -15.04
CA TYR A 151 3.40 -13.50 -14.38
C TYR A 151 4.06 -14.17 -13.19
N ASP A 152 3.55 -13.91 -12.00
CA ASP A 152 4.07 -14.50 -10.77
C ASP A 152 2.90 -15.05 -9.99
N GLU A 153 2.90 -16.36 -9.76
CA GLU A 153 1.82 -17.01 -9.04
C GLU A 153 1.59 -16.43 -7.65
N SER A 154 2.62 -15.79 -7.09
CA SER A 154 2.51 -15.21 -5.75
C SER A 154 1.87 -13.82 -5.73
N CYS A 155 1.57 -13.26 -6.91
CA CYS A 155 0.94 -11.94 -6.94
C CYS A 155 -0.39 -12.06 -6.23
N ASN A 156 -0.78 -11.01 -5.52
CA ASN A 156 -2.03 -11.03 -4.76
C ASN A 156 -3.02 -9.97 -5.23
N SER A 157 -3.99 -10.39 -6.04
CA SER A 157 -4.99 -9.47 -6.56
C SER A 157 -5.86 -8.86 -5.46
N ASP A 158 -5.77 -9.44 -4.27
CA ASP A 158 -6.54 -8.95 -3.11
C ASP A 158 -5.73 -7.89 -2.36
N ASN A 159 -4.52 -7.61 -2.85
CA ASN A 159 -3.67 -6.61 -2.23
C ASN A 159 -3.21 -5.60 -3.27
N LEU A 160 -4.10 -4.68 -3.64
CA LEU A 160 -3.76 -3.64 -4.61
C LEU A 160 -2.91 -2.64 -3.84
N ASN A 161 -1.75 -2.27 -4.38
CA ASN A 161 -0.89 -1.34 -3.67
C ASN A 161 -0.08 -0.38 -4.54
N HIS A 162 -0.22 -0.48 -5.86
CA HIS A 162 0.54 0.37 -6.79
C HIS A 162 -0.34 0.81 -7.95
N ALA A 163 -0.21 2.08 -8.35
CA ALA A 163 -0.99 2.63 -9.44
C ALA A 163 -0.11 2.87 -10.65
N VAL A 164 -0.52 2.35 -11.80
CA VAL A 164 0.24 2.51 -13.03
C VAL A 164 -0.70 2.86 -14.18
N LEU A 165 -0.21 2.79 -15.41
CA LEU A 165 -1.01 3.17 -16.57
C LEU A 165 -0.97 2.12 -17.68
N ALA A 166 -2.14 1.63 -18.09
CA ALA A 166 -2.24 0.66 -19.16
C ALA A 166 -2.34 1.46 -20.46
N VAL A 167 -1.26 1.44 -21.25
CA VAL A 167 -1.23 2.20 -22.51
C VAL A 167 -1.47 1.32 -23.72
N GLY A 168 -1.81 0.06 -23.49
CA GLY A 168 -2.07 -0.86 -24.59
C GLY A 168 -2.07 -2.31 -24.17
N TYR A 169 -2.15 -3.20 -25.15
CA TYR A 169 -2.16 -4.63 -24.89
C TYR A 169 -1.82 -5.38 -26.16
N GLY A 170 -1.41 -6.63 -26.02
CA GLY A 170 -1.06 -7.42 -27.19
C GLY A 170 -0.67 -8.82 -26.80
N ILE A 171 0.34 -9.36 -27.48
CA ILE A 171 0.81 -10.71 -27.21
C ILE A 171 2.29 -10.79 -27.58
N GLN A 172 3.04 -11.60 -26.84
CA GLN A 172 4.46 -11.77 -27.09
C GLN A 172 4.82 -13.22 -26.79
N LYS A 173 5.45 -13.88 -27.77
CA LYS A 173 5.84 -15.28 -27.61
C LYS A 173 4.63 -16.12 -27.22
N GLY A 174 3.48 -15.80 -27.80
CA GLY A 174 2.26 -16.53 -27.53
C GLY A 174 1.58 -16.22 -26.21
N ASN A 175 2.11 -15.26 -25.46
CA ASN A 175 1.54 -14.89 -24.18
C ASN A 175 0.91 -13.50 -24.24
N LYS A 176 -0.40 -13.45 -23.96
CA LYS A 176 -1.13 -12.19 -23.99
C LYS A 176 -0.69 -11.28 -22.86
N HIS A 177 -0.63 -9.99 -23.12
CA HIS A 177 -0.19 -9.05 -22.10
C HIS A 177 -0.84 -7.68 -22.14
N TRP A 178 -0.53 -6.90 -21.10
CA TRP A 178 -0.98 -5.53 -20.94
C TRP A 178 0.32 -4.73 -21.01
N ILE A 179 0.31 -3.60 -21.72
CA ILE A 179 1.51 -2.75 -21.81
C ILE A 179 1.34 -1.73 -20.68
N ILE A 180 2.19 -1.85 -19.66
CA ILE A 180 2.11 -0.98 -18.49
C ILE A 180 3.22 0.05 -18.33
N LYS A 181 2.84 1.30 -18.18
CA LYS A 181 3.78 2.41 -17.98
C LYS A 181 3.91 2.62 -16.47
N ASN A 182 5.13 2.50 -15.95
CA ASN A 182 5.38 2.71 -14.52
C ASN A 182 5.93 4.12 -14.34
N SER A 183 6.19 4.51 -13.10
CA SER A 183 6.73 5.83 -12.79
C SER A 183 7.99 5.73 -11.93
N TRP A 184 8.78 4.70 -12.17
CA TRP A 184 10.01 4.47 -11.41
C TRP A 184 11.25 4.80 -12.25
N GLY A 185 11.06 5.66 -13.24
CA GLY A 185 12.17 6.06 -14.10
C GLY A 185 12.33 5.17 -15.32
N GLU A 186 13.04 5.70 -16.32
CA GLU A 186 13.29 4.98 -17.56
C GLU A 186 14.26 3.83 -17.34
N ASN A 187 15.06 3.90 -16.26
CA ASN A 187 16.01 2.85 -15.97
C ASN A 187 15.40 1.62 -15.30
N TRP A 188 14.12 1.71 -14.95
CA TRP A 188 13.42 0.58 -14.33
C TRP A 188 12.76 -0.25 -15.42
N GLY A 189 12.69 -1.56 -15.22
CA GLY A 189 12.05 -2.43 -16.19
C GLY A 189 12.60 -2.34 -17.60
N ASN A 190 11.70 -2.34 -18.59
CA ASN A 190 12.10 -2.25 -19.99
C ASN A 190 11.85 -0.81 -20.42
N LYS A 191 12.84 0.05 -20.22
CA LYS A 191 12.73 1.45 -20.56
C LYS A 191 11.57 2.11 -19.82
N GLY A 192 11.32 1.63 -18.60
CA GLY A 192 10.26 2.16 -17.76
C GLY A 192 8.93 1.44 -17.88
N TYR A 193 8.87 0.47 -18.77
CA TYR A 193 7.64 -0.30 -19.02
C TYR A 193 7.73 -1.76 -18.58
N ILE A 194 6.57 -2.37 -18.39
CA ILE A 194 6.49 -3.78 -18.04
C ILE A 194 5.28 -4.39 -18.74
N LEU A 195 5.48 -5.58 -19.33
CA LEU A 195 4.38 -6.27 -19.98
C LEU A 195 3.85 -7.20 -18.90
N MET A 196 2.58 -7.04 -18.53
CA MET A 196 1.98 -7.87 -17.49
C MET A 196 0.99 -8.85 -18.11
N ALA A 197 1.00 -10.09 -17.62
CA ALA A 197 0.12 -11.13 -18.14
C ALA A 197 -1.35 -10.70 -18.23
N ARG A 198 -1.95 -10.95 -19.39
CA ARG A 198 -3.36 -10.61 -19.65
C ARG A 198 -4.16 -11.89 -19.83
N ASN A 199 -5.39 -11.90 -19.31
CA ASN A 199 -6.27 -13.06 -19.39
C ASN A 199 -5.66 -14.26 -18.66
N LYS A 200 -4.91 -13.96 -17.60
CA LYS A 200 -4.27 -14.97 -16.77
C LYS A 200 -4.88 -14.87 -15.37
N ASN A 201 -6.21 -14.99 -15.32
CA ASN A 201 -6.96 -14.93 -14.08
C ASN A 201 -6.77 -13.61 -13.31
N ASN A 202 -6.79 -12.49 -14.03
CA ASN A 202 -6.66 -11.18 -13.43
C ASN A 202 -5.40 -11.09 -12.57
N ALA A 203 -4.29 -11.50 -13.16
CA ALA A 203 -2.98 -11.51 -12.50
C ALA A 203 -2.62 -10.16 -11.90
N CYS A 204 -2.23 -10.19 -10.63
CA CYS A 204 -1.83 -8.99 -9.89
C CYS A 204 -3.00 -8.03 -9.66
N GLY A 205 -4.21 -8.48 -10.01
CA GLY A 205 -5.39 -7.66 -9.83
C GLY A 205 -5.49 -6.47 -10.77
N ILE A 206 -4.86 -6.60 -11.93
CA ILE A 206 -4.84 -5.55 -12.95
C ILE A 206 -6.20 -4.94 -13.29
N ALA A 207 -7.28 -5.71 -13.18
CA ALA A 207 -8.60 -5.19 -13.51
C ALA A 207 -9.51 -4.95 -12.30
N ASN A 208 -8.94 -4.92 -11.11
CA ASN A 208 -9.75 -4.70 -9.90
C ASN A 208 -10.08 -3.25 -9.55
N LEU A 209 -9.24 -2.31 -9.97
CA LEU A 209 -9.50 -0.90 -9.66
C LEU A 209 -9.01 0.01 -10.77
N ALA A 210 -9.52 -0.20 -11.98
CA ALA A 210 -9.13 0.60 -13.13
C ALA A 210 -10.16 1.70 -13.39
N SER A 211 -9.69 2.83 -13.92
CA SER A 211 -10.56 3.95 -14.21
C SER A 211 -9.92 4.88 -15.25
N PHE A 212 -10.75 5.74 -15.83
CA PHE A 212 -10.26 6.71 -16.79
C PHE A 212 -11.09 7.97 -16.66
N PRO A 213 -10.50 9.13 -16.95
CA PRO A 213 -11.22 10.40 -16.85
C PRO A 213 -12.04 10.71 -18.10
N LYS A 214 -13.08 11.51 -17.92
CA LYS A 214 -13.93 11.95 -19.03
C LYS A 214 -13.44 13.36 -19.36
N MET A 215 -13.24 13.64 -20.63
CA MET A 215 -12.74 14.96 -21.03
C MET A 215 -13.51 15.57 -22.19
N ALA B 1 -7.57 -12.59 30.43
CA ALA B 1 -8.53 -13.27 31.35
C ALA B 1 -9.91 -13.40 30.72
N PRO B 2 -10.48 -12.31 30.20
CA PRO B 2 -11.81 -12.40 29.58
C PRO B 2 -11.85 -13.37 28.41
N ASP B 3 -13.02 -13.93 28.12
CA ASP B 3 -13.19 -14.86 27.02
C ASP B 3 -12.95 -14.20 25.68
N SER B 4 -13.29 -12.91 25.58
CA SER B 4 -13.12 -12.17 24.34
C SER B 4 -12.65 -10.74 24.59
N VAL B 5 -11.83 -10.23 23.66
CA VAL B 5 -11.29 -8.88 23.74
C VAL B 5 -11.12 -8.33 22.33
N ASP B 6 -11.56 -7.09 22.11
CA ASP B 6 -11.44 -6.45 20.81
C ASP B 6 -11.10 -4.97 21.04
N TYR B 7 -9.82 -4.65 20.96
CA TYR B 7 -9.36 -3.28 21.19
C TYR B 7 -9.85 -2.26 20.17
N ARG B 8 -10.42 -2.73 19.07
CA ARG B 8 -10.95 -1.81 18.06
C ARG B 8 -12.15 -1.09 18.66
N LYS B 9 -12.90 -1.82 19.48
CA LYS B 9 -14.09 -1.27 20.13
C LYS B 9 -13.71 -0.27 21.22
N LYS B 10 -12.49 -0.39 21.73
CA LYS B 10 -12.01 0.50 22.79
C LYS B 10 -11.28 1.73 22.27
N GLY B 11 -11.15 1.83 20.95
CA GLY B 11 -10.47 2.96 20.36
C GLY B 11 -8.97 2.98 20.53
N TYR B 12 -8.36 1.80 20.58
CA TYR B 12 -6.90 1.69 20.73
C TYR B 12 -6.26 1.39 19.39
N VAL B 13 -7.06 1.23 18.35
CA VAL B 13 -6.54 0.88 17.03
C VAL B 13 -6.82 1.92 15.95
N THR B 14 -5.77 2.33 15.26
CA THR B 14 -5.90 3.32 14.19
C THR B 14 -6.41 2.65 12.92
N PRO B 15 -6.76 3.44 11.91
CA PRO B 15 -7.25 2.87 10.67
C PRO B 15 -6.21 1.97 10.00
N VAL B 16 -6.67 1.01 9.19
CA VAL B 16 -5.78 0.10 8.49
C VAL B 16 -5.00 0.88 7.43
N LYS B 17 -3.70 0.63 7.35
CA LYS B 17 -2.84 1.32 6.39
C LYS B 17 -2.44 0.41 5.22
N ASN B 18 -1.95 1.02 4.15
CA ASN B 18 -1.50 0.29 2.97
C ASN B 18 0.00 0.56 2.90
N GLN B 19 0.82 -0.46 3.15
CA GLN B 19 2.28 -0.28 3.14
C GLN B 19 2.96 -0.15 1.78
N GLY B 20 2.20 -0.28 0.70
CA GLY B 20 2.84 -0.15 -0.61
C GLY B 20 3.74 -1.32 -0.98
N GLN B 21 4.95 -1.02 -1.46
CA GLN B 21 5.89 -2.05 -1.88
C GLN B 21 7.06 -2.28 -0.93
N CYS B 22 7.26 -1.33 -0.02
CA CYS B 22 8.34 -1.38 0.98
C CYS B 22 8.11 -2.53 1.95
N GLY B 23 9.16 -3.27 2.28
CA GLY B 23 9.05 -4.38 3.22
C GLY B 23 9.06 -3.84 4.64
N SER B 24 8.04 -3.03 4.94
CA SER B 24 7.90 -2.37 6.23
C SER B 24 6.81 -2.93 7.15
N CYS B 25 6.34 -4.14 6.90
CA CYS B 25 5.30 -4.72 7.75
C CYS B 25 5.72 -4.66 9.22
N TRP B 26 7.00 -4.87 9.50
CA TRP B 26 7.52 -4.81 10.87
C TRP B 26 7.35 -3.42 11.50
N ALA B 27 7.46 -2.39 10.66
CA ALA B 27 7.32 -1.01 11.15
C ALA B 27 5.86 -0.71 11.47
N PHE B 28 4.94 -1.18 10.63
CA PHE B 28 3.51 -0.96 10.89
C PHE B 28 3.11 -1.74 12.14
N SER B 29 3.63 -2.95 12.27
CA SER B 29 3.32 -3.79 13.42
C SER B 29 3.80 -3.08 14.68
N SER B 30 5.02 -2.53 14.63
CA SER B 30 5.59 -1.82 15.76
C SER B 30 4.78 -0.58 16.15
N VAL B 31 4.45 0.27 15.17
CA VAL B 31 3.68 1.46 15.51
C VAL B 31 2.29 1.10 16.00
N GLY B 32 1.75 -0.01 15.51
CA GLY B 32 0.43 -0.45 15.95
C GLY B 32 0.45 -0.72 17.45
N ALA B 33 1.49 -1.42 17.90
CA ALA B 33 1.62 -1.71 19.32
C ALA B 33 1.86 -0.43 20.10
N LEU B 34 2.72 0.44 19.57
CA LEU B 34 3.01 1.72 20.22
C LEU B 34 1.75 2.58 20.31
N GLU B 35 0.95 2.59 19.25
CA GLU B 35 -0.28 3.37 19.23
C GLU B 35 -1.22 2.92 20.34
N GLY B 36 -1.27 1.60 20.56
CA GLY B 36 -2.13 1.07 21.60
C GLY B 36 -1.72 1.54 22.98
N GLN B 37 -0.41 1.49 23.26
CA GLN B 37 0.11 1.92 24.57
C GLN B 37 -0.02 3.43 24.76
N LEU B 38 0.11 4.18 23.67
CA LEU B 38 -0.01 5.64 23.73
C LEU B 38 -1.44 6.02 24.13
N LYS B 39 -2.40 5.32 23.55
CA LYS B 39 -3.81 5.58 23.85
C LYS B 39 -4.03 5.31 25.35
N LYS B 40 -3.45 4.21 25.80
CA LYS B 40 -3.55 3.78 27.19
C LYS B 40 -2.92 4.79 28.16
N LYS B 41 -1.76 5.31 27.81
CA LYS B 41 -1.04 6.24 28.68
C LYS B 41 -1.48 7.71 28.60
N THR B 42 -1.89 8.17 27.43
CA THR B 42 -2.29 9.57 27.27
C THR B 42 -3.76 9.78 26.94
N GLY B 43 -4.47 8.69 26.66
CA GLY B 43 -5.88 8.81 26.33
C GLY B 43 -6.13 9.24 24.89
N LYS B 44 -5.04 9.46 24.15
CA LYS B 44 -5.15 9.90 22.76
C LYS B 44 -4.76 8.83 21.76
N LEU B 45 -5.53 8.74 20.68
CA LEU B 45 -5.28 7.78 19.62
C LEU B 45 -4.75 8.55 18.42
N LEU B 46 -3.54 8.22 17.98
CA LEU B 46 -2.98 8.91 16.82
C LEU B 46 -2.00 8.05 16.04
N ASN B 47 -1.89 8.32 14.74
CA ASN B 47 -0.97 7.58 13.90
C ASN B 47 0.46 7.93 14.25
N LEU B 48 1.28 6.91 14.47
CA LEU B 48 2.69 7.11 14.75
C LEU B 48 3.41 6.82 13.43
N SER B 49 4.68 7.20 13.34
CA SER B 49 5.44 7.06 12.09
C SER B 49 6.20 5.78 11.76
N PRO B 50 5.70 4.98 10.80
CA PRO B 50 6.45 3.77 10.46
C PRO B 50 7.69 4.16 9.66
N GLN B 51 7.60 5.30 8.96
CA GLN B 51 8.72 5.78 8.14
C GLN B 51 9.91 6.09 9.06
N ASN B 52 9.60 6.64 10.23
CA ASN B 52 10.60 6.97 11.25
C ASN B 52 11.40 5.69 11.57
N LEU B 53 10.70 4.57 11.72
CA LEU B 53 11.36 3.31 12.04
C LEU B 53 12.14 2.77 10.83
N VAL B 54 11.50 2.77 9.67
CA VAL B 54 12.15 2.28 8.46
C VAL B 54 13.51 2.96 8.23
N ASP B 55 13.52 4.29 8.32
CA ASP B 55 14.73 5.08 8.07
C ASP B 55 15.74 5.18 9.20
N CYS B 56 15.29 5.05 10.44
CA CYS B 56 16.19 5.23 11.58
C CYS B 56 16.63 4.03 12.39
N VAL B 57 15.98 2.89 12.24
CA VAL B 57 16.38 1.70 12.99
C VAL B 57 17.49 1.03 12.20
N SER B 58 18.72 1.47 12.45
CA SER B 58 19.89 0.96 11.76
C SER B 58 20.11 -0.53 12.00
N GLU B 59 19.54 -1.04 13.10
CA GLU B 59 19.67 -2.44 13.44
C GLU B 59 18.82 -3.32 12.53
N ASN B 60 17.83 -2.72 11.88
CA ASN B 60 16.96 -3.44 10.96
C ASN B 60 17.43 -3.26 9.52
N ASP B 61 16.64 -3.77 8.57
CA ASP B 61 17.02 -3.71 7.16
C ASP B 61 16.13 -2.82 6.30
N GLY B 62 15.56 -1.78 6.90
CA GLY B 62 14.71 -0.87 6.15
C GLY B 62 13.58 -1.57 5.41
N CYS B 63 13.50 -1.32 4.10
CA CYS B 63 12.48 -1.94 3.27
C CYS B 63 12.74 -3.42 3.00
N GLY B 64 13.80 -3.94 3.61
CA GLY B 64 14.14 -5.34 3.44
C GLY B 64 13.69 -6.17 4.63
N GLY B 65 13.00 -5.53 5.58
CA GLY B 65 12.51 -6.24 6.75
C GLY B 65 13.20 -5.84 8.04
N GLY B 66 12.68 -6.36 9.16
CA GLY B 66 13.27 -6.03 10.45
C GLY B 66 12.49 -6.60 11.62
N TYR B 67 13.09 -6.50 12.81
CA TYR B 67 12.49 -7.00 14.05
C TYR B 67 11.72 -5.90 14.77
N MET B 68 10.53 -6.21 15.28
CA MET B 68 9.75 -5.23 16.02
C MET B 68 10.50 -4.86 17.31
N THR B 69 11.21 -5.82 17.88
CA THR B 69 11.96 -5.57 19.10
C THR B 69 13.07 -4.54 18.87
N ASN B 70 13.71 -4.57 17.70
CA ASN B 70 14.75 -3.60 17.41
C ASN B 70 14.11 -2.21 17.26
N ALA B 71 12.86 -2.19 16.80
CA ALA B 71 12.14 -0.93 16.63
C ALA B 71 11.86 -0.32 18.00
N PHE B 72 11.39 -1.14 18.94
CA PHE B 72 11.08 -0.66 20.29
C PHE B 72 12.37 -0.19 20.95
N GLN B 73 13.46 -0.94 20.73
CA GLN B 73 14.76 -0.60 21.29
C GLN B 73 15.16 0.79 20.80
N TYR B 74 15.00 1.03 19.49
CA TYR B 74 15.33 2.33 18.91
C TYR B 74 14.52 3.45 19.55
N VAL B 75 13.21 3.27 19.66
CA VAL B 75 12.38 4.32 20.26
C VAL B 75 12.87 4.66 21.68
N GLN B 76 13.23 3.62 22.43
CA GLN B 76 13.72 3.80 23.79
C GLN B 76 15.02 4.59 23.79
N LYS B 77 16.02 4.10 23.08
CA LYS B 77 17.33 4.75 23.00
C LYS B 77 17.25 6.16 22.42
N ASN B 78 16.38 6.34 21.42
CA ASN B 78 16.20 7.62 20.74
C ASN B 78 15.42 8.62 21.58
N ARG B 79 14.75 8.15 22.62
CA ARG B 79 13.95 9.00 23.49
C ARG B 79 12.63 9.38 22.84
N GLY B 80 12.20 8.62 21.84
CA GLY B 80 10.92 8.91 21.20
C GLY B 80 10.76 8.52 19.75
N ILE B 81 9.52 8.58 19.29
CA ILE B 81 9.16 8.28 17.90
C ILE B 81 8.23 9.40 17.45
N ASP B 82 8.31 9.77 16.17
CA ASP B 82 7.48 10.83 15.61
C ASP B 82 6.07 10.38 15.29
N SER B 83 5.18 11.37 15.16
CA SER B 83 3.81 11.09 14.77
C SER B 83 3.89 10.93 13.25
N GLU B 84 2.87 10.31 12.66
CA GLU B 84 2.82 10.12 11.21
C GLU B 84 2.86 11.50 10.54
N ASP B 85 2.10 12.45 11.07
CA ASP B 85 2.05 13.79 10.51
C ASP B 85 3.42 14.47 10.42
N ALA B 86 4.25 14.27 11.44
CA ALA B 86 5.58 14.88 11.49
C ALA B 86 6.65 14.13 10.69
N TYR B 87 6.37 12.88 10.33
CA TYR B 87 7.33 12.07 9.57
C TYR B 87 6.47 11.11 8.73
N PRO B 88 5.84 11.63 7.68
CA PRO B 88 4.97 10.85 6.79
C PRO B 88 5.60 9.67 6.04
N TYR B 89 4.80 8.63 5.87
CA TYR B 89 5.21 7.41 5.18
C TYR B 89 5.23 7.63 3.67
N VAL B 90 6.30 7.20 3.01
CA VAL B 90 6.42 7.35 1.56
C VAL B 90 6.65 6.03 0.83
N GLY B 91 6.72 4.93 1.58
CA GLY B 91 6.89 3.62 0.97
C GLY B 91 8.24 3.30 0.34
N GLN B 92 9.29 3.95 0.83
CA GLN B 92 10.64 3.75 0.33
C GLN B 92 11.57 4.28 1.42
N GLU B 93 12.73 3.65 1.61
CA GLU B 93 13.65 4.12 2.65
C GLU B 93 14.26 5.46 2.29
N GLU B 94 14.31 6.36 3.28
CA GLU B 94 14.89 7.69 3.11
C GLU B 94 16.00 7.84 4.15
N SER B 95 16.68 8.99 4.13
CA SER B 95 17.71 9.23 5.13
C SER B 95 16.93 9.43 6.43
N CYS B 96 17.54 9.17 7.57
CA CYS B 96 16.85 9.35 8.84
C CYS B 96 16.55 10.84 9.02
N MET B 97 15.27 11.17 9.17
CA MET B 97 14.84 12.56 9.34
C MET B 97 14.00 12.74 10.61
N TYR B 98 14.41 12.06 11.67
CA TYR B 98 13.70 12.15 12.94
C TYR B 98 13.63 13.60 13.42
N ASN B 99 12.42 14.07 13.68
CA ASN B 99 12.17 15.43 14.15
C ASN B 99 11.83 15.34 15.64
N PRO B 100 12.74 15.82 16.51
CA PRO B 100 12.50 15.76 17.95
C PRO B 100 11.24 16.49 18.42
N THR B 101 10.90 17.56 17.73
CA THR B 101 9.73 18.36 18.09
C THR B 101 8.44 17.65 17.69
N GLY B 102 8.54 16.71 16.76
CA GLY B 102 7.38 15.96 16.32
C GLY B 102 7.16 14.69 17.12
N LYS B 103 7.95 14.54 18.18
CA LYS B 103 7.87 13.36 19.06
C LYS B 103 6.43 13.23 19.56
N ALA B 104 5.85 12.04 19.44
CA ALA B 104 4.48 11.83 19.88
C ALA B 104 4.34 10.68 20.86
N ALA B 105 5.43 9.94 21.08
CA ALA B 105 5.40 8.83 22.02
C ALA B 105 6.82 8.40 22.41
N LYS B 106 6.92 7.75 23.56
CA LYS B 106 8.19 7.25 24.06
C LYS B 106 8.04 5.76 24.33
N CYS B 107 9.15 5.12 24.66
CA CYS B 107 9.17 3.69 24.96
C CYS B 107 10.16 3.46 26.10
N ARG B 108 9.68 2.88 27.20
CA ARG B 108 10.57 2.64 28.34
C ARG B 108 10.98 1.17 28.45
N GLY B 109 10.75 0.42 27.38
CA GLY B 109 11.11 -0.98 27.36
C GLY B 109 10.09 -1.81 26.59
N TYR B 110 10.36 -3.11 26.49
CA TYR B 110 9.48 -4.03 25.78
C TYR B 110 9.75 -5.44 26.28
N ARG B 111 8.79 -6.34 26.03
CA ARG B 111 8.94 -7.72 26.45
C ARG B 111 8.56 -8.65 25.32
N GLU B 112 9.20 -9.81 25.28
CA GLU B 112 8.93 -10.81 24.25
C GLU B 112 8.13 -11.95 24.89
N ILE B 113 7.01 -12.30 24.27
CA ILE B 113 6.15 -13.36 24.77
C ILE B 113 6.90 -14.69 24.74
N PRO B 114 6.78 -15.50 25.80
CA PRO B 114 7.47 -16.79 25.81
C PRO B 114 7.13 -17.52 24.51
N GLU B 115 8.15 -17.89 23.76
CA GLU B 115 7.97 -18.56 22.48
C GLU B 115 6.99 -19.73 22.44
N GLY B 116 6.03 -19.64 21.51
CA GLY B 116 5.03 -20.68 21.33
C GLY B 116 3.91 -20.74 22.35
N ASN B 117 3.92 -19.83 23.31
CA ASN B 117 2.89 -19.83 24.36
C ASN B 117 1.69 -18.95 24.02
N GLU B 118 0.64 -19.56 23.47
CA GLU B 118 -0.55 -18.79 23.11
C GLU B 118 -1.33 -18.33 24.33
N LYS B 119 -1.20 -19.05 25.44
CA LYS B 119 -1.89 -18.67 26.67
C LYS B 119 -1.30 -17.35 27.16
N ALA B 120 0.02 -17.25 27.10
CA ALA B 120 0.72 -16.05 27.53
C ALA B 120 0.39 -14.88 26.61
N LEU B 121 0.29 -15.17 25.32
CA LEU B 121 -0.04 -14.13 24.35
C LEU B 121 -1.45 -13.62 24.64
N LYS B 122 -2.34 -14.53 25.00
CA LYS B 122 -3.72 -14.17 25.32
C LYS B 122 -3.77 -13.25 26.54
N ARG B 123 -3.03 -13.62 27.57
CA ARG B 123 -2.98 -12.82 28.79
C ARG B 123 -2.41 -11.44 28.48
N ALA B 124 -1.38 -11.41 27.64
CA ALA B 124 -0.74 -10.16 27.26
C ALA B 124 -1.71 -9.23 26.54
N VAL B 125 -2.43 -9.76 25.55
CA VAL B 125 -3.38 -8.95 24.81
C VAL B 125 -4.45 -8.40 25.75
N ALA B 126 -4.95 -9.24 26.65
CA ALA B 126 -5.98 -8.81 27.59
C ALA B 126 -5.51 -7.70 28.52
N ARG B 127 -4.33 -7.88 29.10
CA ARG B 127 -3.78 -6.91 30.06
C ARG B 127 -3.09 -5.69 29.48
N VAL B 128 -2.19 -5.91 28.52
CA VAL B 128 -1.42 -4.83 27.92
C VAL B 128 -2.14 -4.05 26.83
N GLY B 129 -2.65 -4.78 25.84
CA GLY B 129 -3.32 -4.17 24.71
C GLY B 129 -2.81 -4.82 23.44
N PRO B 130 -2.94 -4.17 22.28
CA PRO B 130 -2.45 -4.80 21.05
C PRO B 130 -0.98 -5.22 21.15
N VAL B 131 -0.68 -6.42 20.62
CA VAL B 131 0.67 -6.97 20.65
C VAL B 131 1.21 -7.27 19.24
N SER B 132 2.47 -6.93 19.00
CA SER B 132 3.09 -7.18 17.69
C SER B 132 3.36 -8.69 17.58
N VAL B 133 3.02 -9.29 16.45
CA VAL B 133 3.26 -10.71 16.25
C VAL B 133 3.76 -10.99 14.84
N ALA B 134 4.41 -12.14 14.67
CA ALA B 134 4.93 -12.56 13.38
C ALA B 134 4.22 -13.85 13.00
N ILE B 135 3.96 -14.02 11.71
CA ILE B 135 3.27 -15.22 11.23
C ILE B 135 3.80 -15.66 9.88
N ASP B 136 3.37 -16.84 9.46
CA ASP B 136 3.72 -17.36 8.14
C ASP B 136 2.52 -16.92 7.30
N ALA B 137 2.73 -15.91 6.45
CA ALA B 137 1.66 -15.39 5.60
C ALA B 137 1.97 -15.68 4.14
N SER B 138 2.74 -16.73 3.89
CA SER B 138 3.15 -17.06 2.53
C SER B 138 2.16 -17.88 1.71
N LEU B 139 1.14 -18.42 2.35
CA LEU B 139 0.16 -19.25 1.65
C LEU B 139 -0.86 -18.46 0.84
N THR B 140 -1.24 -19.02 -0.31
CA THR B 140 -2.22 -18.38 -1.16
C THR B 140 -3.51 -18.22 -0.36
N SER B 141 -3.82 -19.21 0.47
CA SER B 141 -5.03 -19.17 1.28
C SER B 141 -5.06 -17.96 2.22
N PHE B 142 -3.89 -17.54 2.69
CA PHE B 142 -3.79 -16.38 3.57
C PHE B 142 -3.98 -15.13 2.72
N GLN B 143 -3.32 -15.08 1.57
CA GLN B 143 -3.41 -13.93 0.68
C GLN B 143 -4.84 -13.60 0.26
N PHE B 144 -5.62 -14.64 -0.02
CA PHE B 144 -6.99 -14.44 -0.47
C PHE B 144 -8.06 -14.63 0.59
N TYR B 145 -7.67 -14.45 1.86
CA TYR B 145 -8.60 -14.58 2.98
C TYR B 145 -9.73 -13.56 2.84
N SER B 146 -10.95 -13.99 3.18
CA SER B 146 -12.11 -13.11 3.09
C SER B 146 -12.93 -13.13 4.38
N LYS B 147 -13.17 -14.32 4.94
CA LYS B 147 -13.95 -14.42 6.16
C LYS B 147 -13.73 -15.73 6.92
N GLY B 148 -14.30 -15.81 8.11
CA GLY B 148 -14.17 -17.00 8.93
C GLY B 148 -12.87 -17.01 9.72
N VAL B 149 -12.58 -18.14 10.37
CA VAL B 149 -11.36 -18.27 11.13
C VAL B 149 -10.34 -19.02 10.29
N TYR B 150 -9.30 -18.29 9.88
CA TYR B 150 -8.24 -18.83 9.03
C TYR B 150 -7.42 -19.95 9.66
N TYR B 151 -7.36 -21.07 8.96
CA TYR B 151 -6.59 -22.22 9.39
C TYR B 151 -6.16 -23.03 8.16
N ASP B 152 -4.87 -23.27 8.04
CA ASP B 152 -4.33 -24.04 6.92
C ASP B 152 -3.18 -24.88 7.44
N GLU B 153 -3.37 -26.21 7.42
CA GLU B 153 -2.38 -27.15 7.91
C GLU B 153 -1.01 -26.98 7.25
N SER B 154 -0.98 -26.34 6.09
CA SER B 154 0.28 -26.13 5.38
C SER B 154 1.08 -24.96 5.95
N CYS B 155 0.49 -24.21 6.88
CA CYS B 155 1.19 -23.07 7.49
C CYS B 155 2.36 -23.65 8.27
N ASN B 156 3.47 -22.93 8.30
CA ASN B 156 4.64 -23.41 9.02
C ASN B 156 4.96 -22.47 10.17
N SER B 157 4.81 -22.97 11.39
CA SER B 157 5.07 -22.18 12.59
C SER B 157 6.48 -21.62 12.71
N ASP B 158 7.43 -22.21 11.99
CA ASP B 158 8.80 -21.74 12.06
C ASP B 158 9.25 -20.96 10.83
N ASN B 159 8.26 -20.54 10.03
CA ASN B 159 8.52 -19.75 8.83
C ASN B 159 7.86 -18.40 9.11
N LEU B 160 8.52 -17.59 9.93
CA LEU B 160 8.01 -16.28 10.33
C LEU B 160 8.48 -15.24 9.32
N ASN B 161 7.61 -14.89 8.38
CA ASN B 161 7.96 -13.96 7.32
C ASN B 161 7.17 -12.67 7.22
N HIS B 162 6.13 -12.53 8.05
CA HIS B 162 5.29 -11.34 8.01
C HIS B 162 4.95 -10.85 9.42
N ALA B 163 5.01 -9.52 9.62
CA ALA B 163 4.69 -8.93 10.93
C ALA B 163 3.35 -8.24 10.90
N VAL B 164 2.51 -8.56 11.88
CA VAL B 164 1.19 -7.97 11.99
C VAL B 164 0.85 -7.58 13.43
N LEU B 165 -0.40 -7.23 13.68
CA LEU B 165 -0.80 -6.79 15.02
C LEU B 165 -2.01 -7.55 15.56
N ALA B 166 -1.87 -8.11 16.77
CA ALA B 166 -2.99 -8.82 17.38
C ALA B 166 -3.73 -7.77 18.20
N VAL B 167 -4.95 -7.43 17.80
CA VAL B 167 -5.72 -6.42 18.50
C VAL B 167 -6.83 -7.00 19.37
N GLY B 168 -6.84 -8.32 19.50
CA GLY B 168 -7.84 -8.97 20.31
C GLY B 168 -7.92 -10.46 20.04
N TYR B 169 -8.95 -11.09 20.57
CA TYR B 169 -9.15 -12.52 20.39
C TYR B 169 -10.56 -12.87 20.82
N GLY B 170 -11.02 -14.05 20.42
CA GLY B 170 -12.36 -14.46 20.78
C GLY B 170 -12.71 -15.79 20.17
N ILE B 171 -13.97 -15.95 19.80
CA ILE B 171 -14.43 -17.18 19.20
C ILE B 171 -15.59 -16.92 18.24
N GLN B 172 -15.53 -17.55 17.08
CA GLN B 172 -16.57 -17.41 16.07
C GLN B 172 -17.03 -18.80 15.69
N LYS B 173 -18.33 -19.05 15.85
CA LYS B 173 -18.91 -20.34 15.53
C LYS B 173 -18.14 -21.50 16.18
N GLY B 174 -17.70 -21.29 17.41
CA GLY B 174 -16.97 -22.34 18.11
C GLY B 174 -15.48 -22.43 17.81
N ASN B 175 -14.99 -21.62 16.89
CA ASN B 175 -13.58 -21.63 16.52
C ASN B 175 -12.86 -20.46 17.18
N LYS B 176 -11.95 -20.76 18.10
CA LYS B 176 -11.18 -19.72 18.78
C LYS B 176 -10.29 -19.02 17.78
N HIS B 177 -10.11 -17.71 17.94
CA HIS B 177 -9.27 -16.97 17.01
C HIS B 177 -8.55 -15.79 17.63
N TRP B 178 -7.68 -15.19 16.82
CA TRP B 178 -6.92 -14.00 17.16
C TRP B 178 -7.43 -12.99 16.15
N ILE B 179 -7.62 -11.73 16.56
CA ILE B 179 -8.08 -10.70 15.64
C ILE B 179 -6.80 -10.00 15.19
N ILE B 180 -6.46 -10.17 13.91
CA ILE B 180 -5.22 -9.62 13.37
C ILE B 180 -5.37 -8.46 12.39
N LYS B 181 -4.64 -7.38 12.67
CA LYS B 181 -4.66 -6.18 11.82
C LYS B 181 -3.46 -6.29 10.87
N ASN B 182 -3.72 -6.25 9.57
CA ASN B 182 -2.64 -6.34 8.58
C ASN B 182 -2.35 -4.92 8.10
N SER B 183 -1.38 -4.78 7.19
CA SER B 183 -1.02 -3.47 6.65
C SER B 183 -1.07 -3.51 5.13
N TRP B 184 -2.03 -4.27 4.60
CA TRP B 184 -2.21 -4.42 3.17
C TRP B 184 -3.43 -3.66 2.66
N GLY B 185 -3.80 -2.59 3.36
CA GLY B 185 -4.94 -1.80 2.95
C GLY B 185 -6.28 -2.30 3.46
N GLU B 186 -7.26 -1.40 3.54
CA GLU B 186 -8.59 -1.73 4.03
C GLU B 186 -9.35 -2.70 3.13
N ASN B 187 -8.92 -2.84 1.87
CA ASN B 187 -9.61 -3.74 0.94
C ASN B 187 -9.10 -5.19 1.00
N TRP B 188 -7.98 -5.41 1.68
CA TRP B 188 -7.46 -6.76 1.80
C TRP B 188 -8.24 -7.48 2.90
N GLY B 189 -8.38 -8.79 2.76
CA GLY B 189 -9.08 -9.59 3.76
C GLY B 189 -10.45 -9.06 4.09
N ASN B 190 -10.75 -8.97 5.39
CA ASN B 190 -12.04 -8.48 5.85
C ASN B 190 -11.82 -7.09 6.43
N LYS B 191 -11.97 -6.08 5.58
CA LYS B 191 -11.76 -4.69 5.97
C LYS B 191 -10.34 -4.48 6.50
N GLY B 192 -9.40 -5.26 5.97
CA GLY B 192 -8.00 -5.13 6.37
C GLY B 192 -7.58 -6.05 7.51
N TYR B 193 -8.54 -6.80 8.05
CA TYR B 193 -8.30 -7.71 9.17
C TYR B 193 -8.45 -9.18 8.77
N ILE B 194 -7.98 -10.06 9.65
CA ILE B 194 -8.11 -11.49 9.45
C ILE B 194 -8.19 -12.17 10.80
N LEU B 195 -9.09 -13.13 10.94
CA LEU B 195 -9.22 -13.88 12.18
C LEU B 195 -8.37 -15.13 11.97
N MET B 196 -7.38 -15.34 12.84
CA MET B 196 -6.50 -16.50 12.71
C MET B 196 -6.72 -17.50 13.84
N ALA B 197 -6.70 -18.79 13.50
CA ALA B 197 -6.90 -19.85 14.49
C ALA B 197 -6.08 -19.66 15.76
N ARG B 198 -6.76 -19.82 16.90
CA ARG B 198 -6.14 -19.69 18.22
C ARG B 198 -6.18 -21.05 18.92
N ASN B 199 -5.11 -21.37 19.64
CA ASN B 199 -5.00 -22.63 20.38
C ASN B 199 -5.03 -23.84 19.46
N LYS B 200 -4.65 -23.64 18.21
CA LYS B 200 -4.61 -24.71 17.22
C LYS B 200 -3.14 -25.03 16.95
N ASN B 201 -2.44 -25.44 18.00
CA ASN B 201 -1.04 -25.79 17.93
C ASN B 201 -0.17 -24.66 17.38
N ASN B 202 -0.40 -23.44 17.88
CA ASN B 202 0.37 -22.27 17.47
C ASN B 202 0.39 -22.13 15.94
N ALA B 203 -0.80 -22.15 15.35
CA ALA B 203 -0.95 -22.05 13.91
C ALA B 203 -0.30 -20.84 13.29
N CYS B 204 0.50 -21.08 12.24
CA CYS B 204 1.22 -20.04 11.52
C CYS B 204 2.29 -19.36 12.37
N GLY B 205 2.61 -19.95 13.52
CA GLY B 205 3.64 -19.40 14.39
C GLY B 205 3.25 -18.12 15.10
N ILE B 206 1.95 -17.91 15.27
CA ILE B 206 1.41 -16.71 15.91
C ILE B 206 2.04 -16.30 17.24
N ALA B 207 2.48 -17.26 18.06
CA ALA B 207 3.08 -16.91 19.34
C ALA B 207 4.59 -17.15 19.43
N ASN B 208 5.24 -17.30 18.28
CA ASN B 208 6.68 -17.55 18.26
C ASN B 208 7.57 -16.31 18.26
N LEU B 209 7.03 -15.18 17.83
CA LEU B 209 7.83 -13.96 17.77
C LEU B 209 6.94 -12.75 18.07
N ALA B 210 6.33 -12.79 19.25
CA ALA B 210 5.44 -11.72 19.70
C ALA B 210 6.09 -10.85 20.77
N SER B 211 5.79 -9.56 20.73
CA SER B 211 6.36 -8.63 21.70
C SER B 211 5.50 -7.38 21.82
N PHE B 212 5.67 -6.65 22.92
CA PHE B 212 4.93 -5.41 23.13
C PHE B 212 5.79 -4.39 23.83
N PRO B 213 5.59 -3.11 23.52
CA PRO B 213 6.36 -2.02 24.13
C PRO B 213 5.70 -1.55 25.43
N LYS B 214 6.47 -0.87 26.26
CA LYS B 214 5.98 -0.33 27.52
C LYS B 214 6.14 1.18 27.48
N MET B 215 5.19 1.89 28.08
CA MET B 215 5.23 3.35 28.13
C MET B 215 5.04 3.83 29.57
S SO4 C . 15.51 7.83 -14.78
O1 SO4 C . 16.79 8.41 -15.24
O2 SO4 C . 14.48 8.07 -15.81
O3 SO4 C . 15.67 6.38 -14.57
O4 SO4 C . 15.11 8.47 -13.52
S SO4 D . 11.29 -14.45 -21.33
O1 SO4 D . 11.96 -13.12 -21.31
O2 SO4 D . 11.29 -14.99 -22.69
O3 SO4 D . 12.02 -15.37 -20.44
O4 SO4 D . 9.89 -14.30 -20.87
C1 FSP E . 3.36 4.99 0.07
C2 FSP E . 2.25 3.91 -0.04
C3 FSP E . 1.42 4.13 -1.30
C4 FSP E . 2.36 4.20 -2.53
C5 FSP E . 1.57 4.20 -3.90
N6 FSP E . 0.43 3.34 -3.78
C7 FSP E . -0.79 3.77 -4.06
O8 FSP E . -1.04 4.98 -4.02
O9 FSP E . -1.70 2.92 -4.38
C10 FSP E . -2.98 3.48 -4.51
C11 FSP E . -4.00 2.39 -4.22
C12 FSP E . -3.95 1.86 -2.74
C13 FSP E . -3.86 3.02 -1.76
C14 FSP E . -2.71 3.20 -1.02
C15 FSP E . -2.62 4.26 -0.12
C16 FSP E . -3.68 5.13 0.02
F17 FSP E . -3.59 6.15 0.89
C18 FSP E . -4.84 4.95 -0.72
C19 FSP E . -4.93 3.90 -1.61
C20 FSP E . -5.39 2.74 -4.70
C21 FSP E . -5.30 1.63 -5.76
C22 FSP E . -3.89 1.26 -5.24
C25 FSP E . 3.87 4.33 -5.02
O26 FSP E . 3.92 5.55 -5.08
N27 FSP E . 4.99 3.58 -4.96
C28 FSP E . 6.20 4.14 -4.67
C29 FSP E . 6.54 4.66 -3.46
C30 FSP E . 7.82 5.12 -3.58
N31 FSP E . 8.23 4.89 -4.90
N32 FSP E . 7.21 4.27 -5.58
C23 FSP E . 2.53 3.61 -4.91
O24 FSP E . 2.46 2.31 -5.22
S SO4 F . 4.81 -5.50 31.91
O1 SO4 F . 5.95 -4.74 31.38
O2 SO4 F . 5.09 -5.89 33.30
O3 SO4 F . 3.60 -4.65 31.88
O4 SO4 F . 4.58 -6.71 31.10
C1 FSP G . 10.94 -7.92 2.21
C2 FSP G . 11.06 -9.01 3.28
C3 FSP G . 10.52 -8.49 4.62
C4 FSP G . 9.03 -8.12 4.47
C5 FSP G . 8.33 -7.97 5.87
N6 FSP G . 8.73 -9.04 6.70
C7 FSP G . 9.22 -8.79 7.90
O8 FSP G . 9.77 -7.71 8.13
O9 FSP G . 9.12 -9.68 8.81
C10 FSP G . 9.79 -9.35 9.99
C11 FSP G . 10.12 -10.65 10.68
C12 FSP G . 11.10 -11.57 9.86
C13 FSP G . 12.24 -10.74 9.30
C14 FSP G . 12.31 -10.48 7.92
C15 FSP G . 13.34 -9.71 7.42
C16 FSP G . 14.32 -9.22 8.27
F17 FSP G . 15.32 -8.48 7.78
C18 FSP G . 14.25 -9.48 9.62
C19 FSP G . 13.21 -10.24 10.13
C20 FSP G . 10.54 -10.43 12.12
C21 FSP G . 9.24 -11.09 12.59
C22 FSP G . 8.87 -11.38 11.12
C25 FSP G . 6.30 -7.11 4.60
O26 FSP G . 6.56 -5.91 4.72
N27 FSP G . 5.61 -7.58 3.54
C28 FSP G . 5.21 -6.79 2.52
C29 FSP G . 6.05 -6.17 1.63
C30 FSP G . 5.26 -5.47 0.77
N31 FSP G . 3.93 -5.69 1.15
N32 FSP G . 3.89 -6.52 2.24
C23 FSP G . 6.83 -8.11 5.59
O24 FSP G . 6.23 -9.29 5.69
#